data_2GHJ
#
_entry.id   2GHJ
#
_cell.length_a   44.914
_cell.length_b   45.217
_cell.length_c   67.060
_cell.angle_alpha   104.06
_cell.angle_beta   106.20
_cell.angle_gamma   97.76
#
_symmetry.space_group_name_H-M   'P 1'
#
loop_
_entity.id
_entity.type
_entity.pdbx_description
1 polymer '50S ribosomal protein L20'
2 non-polymer 'SULFATE ION'
3 water water
#
_entity_poly.entity_id   1
_entity_poly.type   'polypeptide(L)'
_entity_poly.pdbx_seq_one_letter_code
;(MSE)RVKGPSSRRKKKKILKLAKGYRGQRSRSYRRAKEAV(MSE)RALYYQYRDRKLRKREFRRLWIARINAAVRAYGL
NYSTFINGLKKAGIELDRKILAD(MSE)AVRDPQAFEQVVNKVKEALQVQ
;
_entity_poly.pdbx_strand_id   A,B,D,E
#
# COMPACT_ATOMS: atom_id res chain seq x y z
N LEU A 18 10.14 -9.90 25.67
CA LEU A 18 9.21 -9.03 24.90
C LEU A 18 9.22 -7.62 25.46
N ALA A 19 9.69 -6.67 24.66
CA ALA A 19 9.76 -5.30 25.11
C ALA A 19 9.54 -4.32 23.96
N LYS A 20 9.54 -4.83 22.73
CA LYS A 20 9.33 -3.96 21.58
C LYS A 20 8.16 -4.45 20.75
N GLY A 21 7.79 -5.72 20.93
CA GLY A 21 6.67 -6.27 20.22
C GLY A 21 5.41 -5.99 21.02
N TYR A 22 5.46 -6.29 22.31
CA TYR A 22 4.33 -6.07 23.21
C TYR A 22 4.84 -5.79 24.63
N ARG A 23 3.97 -5.21 25.47
CA ARG A 23 4.31 -4.89 26.85
C ARG A 23 5.42 -3.83 26.92
N GLY A 24 5.02 -2.58 27.15
CA GLY A 24 5.99 -1.49 27.23
C GLY A 24 6.68 -1.35 28.56
N GLN A 25 7.75 -2.13 28.76
CA GLN A 25 8.52 -2.12 29.99
C GLN A 25 8.82 -0.70 30.48
N ARG A 26 9.01 -0.55 31.79
CA ARG A 26 9.35 0.74 32.38
C ARG A 26 10.87 0.73 32.42
N SER A 27 11.42 -0.25 31.70
CA SER A 27 12.86 -0.48 31.57
C SER A 27 13.58 0.75 31.02
N ARG A 28 14.85 0.87 31.39
CA ARG A 28 15.68 1.99 30.95
C ARG A 28 16.05 1.83 29.47
N SER A 29 16.29 0.58 29.08
CA SER A 29 16.66 0.26 27.72
C SER A 29 15.46 0.36 26.79
N TYR A 30 14.30 -0.08 27.28
CA TYR A 30 13.07 -0.03 26.50
C TYR A 30 12.83 1.34 25.92
N ARG A 31 12.70 2.33 26.80
CA ARG A 31 12.46 3.72 26.42
C ARG A 31 13.32 4.16 25.24
N ARG A 32 14.56 3.67 25.20
CA ARG A 32 15.49 4.03 24.13
C ARG A 32 15.18 3.31 22.81
N ALA A 33 14.93 2.01 22.88
CA ALA A 33 14.61 1.21 21.69
C ALA A 33 13.32 1.68 21.05
N LYS A 34 12.30 1.91 21.86
CA LYS A 34 11.03 2.38 21.32
C LYS A 34 11.22 3.69 20.58
N GLU A 35 12.06 4.57 21.13
CA GLU A 35 12.32 5.86 20.50
C GLU A 35 12.94 5.67 19.11
N ALA A 36 13.79 4.66 18.98
CA ALA A 36 14.43 4.36 17.71
C ALA A 36 13.35 3.84 16.71
N VAL A 37 12.47 2.97 17.20
CA VAL A 37 11.39 2.42 16.40
C VAL A 37 10.50 3.55 15.89
N ARG A 39 11.34 6.62 15.35
CA ARG A 39 12.04 7.44 14.37
C ARG A 39 12.14 6.71 13.02
N ALA A 40 12.17 5.39 13.04
CA ALA A 40 12.23 4.66 11.78
C ALA A 40 10.89 4.93 11.11
N LEU A 41 9.82 4.63 11.82
CA LEU A 41 8.46 4.83 11.33
C LEU A 41 8.23 6.21 10.71
N TYR A 42 8.56 7.27 11.43
CA TYR A 42 8.36 8.63 10.92
C TYR A 42 9.06 8.92 9.60
N TYR A 43 10.37 8.73 9.58
CA TYR A 43 11.13 9.01 8.39
C TYR A 43 10.62 8.26 7.17
N GLN A 44 10.32 6.97 7.34
CA GLN A 44 9.79 6.20 6.23
C GLN A 44 8.43 6.76 5.78
N TYR A 45 7.49 6.83 6.71
CA TYR A 45 6.17 7.36 6.39
C TYR A 45 6.24 8.66 5.59
N ARG A 46 7.19 9.51 5.94
CA ARG A 46 7.33 10.80 5.27
C ARG A 46 7.86 10.69 3.85
N ASP A 47 8.82 9.80 3.64
CA ASP A 47 9.38 9.62 2.32
C ASP A 47 8.30 9.10 1.39
N ARG A 48 7.47 8.21 1.93
CA ARG A 48 6.40 7.63 1.14
C ARG A 48 5.48 8.74 0.65
N LYS A 49 4.94 9.52 1.59
CA LYS A 49 4.02 10.60 1.26
C LYS A 49 4.60 11.63 0.28
N LEU A 50 5.85 12.01 0.48
CA LEU A 50 6.48 12.99 -0.39
C LEU A 50 6.76 12.43 -1.77
N ARG A 51 7.19 11.17 -1.82
CA ARG A 51 7.45 10.51 -3.09
C ARG A 51 6.14 10.48 -3.87
N LYS A 52 5.08 10.14 -3.16
CA LYS A 52 3.73 10.04 -3.71
C LYS A 52 3.17 11.39 -4.14
N ARG A 53 3.69 12.47 -3.57
CA ARG A 53 3.21 13.78 -3.93
C ARG A 53 3.87 14.19 -5.23
N GLU A 54 5.13 13.81 -5.40
CA GLU A 54 5.89 14.14 -6.60
C GLU A 54 5.20 13.54 -7.84
N PHE A 55 4.69 12.32 -7.72
CA PHE A 55 4.00 11.63 -8.81
C PHE A 55 2.67 12.27 -9.16
N ARG A 56 1.78 12.36 -8.19
CA ARG A 56 0.48 12.98 -8.41
C ARG A 56 0.72 14.31 -9.13
N ARG A 57 1.86 14.94 -8.84
CA ARG A 57 2.21 16.20 -9.47
C ARG A 57 2.44 16.05 -10.97
N LEU A 58 3.20 15.05 -11.36
CA LEU A 58 3.47 14.84 -12.78
C LEU A 58 2.26 14.31 -13.51
N TRP A 59 1.47 13.49 -12.83
CA TRP A 59 0.28 12.93 -13.43
C TRP A 59 -0.66 13.99 -13.95
N ILE A 60 -0.82 15.06 -13.17
CA ILE A 60 -1.72 16.11 -13.54
C ILE A 60 -1.08 17.03 -14.58
N ALA A 61 0.23 17.27 -14.44
CA ALA A 61 0.96 18.12 -15.37
C ALA A 61 0.89 17.51 -16.77
N ARG A 62 1.08 16.21 -16.83
CA ARG A 62 1.04 15.47 -18.07
C ARG A 62 -0.36 15.39 -18.66
N ILE A 63 -1.36 15.03 -17.85
CA ILE A 63 -2.74 14.93 -18.34
C ILE A 63 -3.24 16.27 -18.89
N ASN A 64 -3.01 17.36 -18.17
CA ASN A 64 -3.42 18.69 -18.62
C ASN A 64 -2.81 18.93 -20.01
N ALA A 65 -1.50 18.77 -20.09
CA ALA A 65 -0.73 18.94 -21.33
C ALA A 65 -1.23 18.09 -22.51
N ALA A 66 -1.80 16.94 -22.20
CA ALA A 66 -2.28 16.05 -23.22
C ALA A 66 -3.60 16.50 -23.83
N VAL A 67 -4.52 16.98 -23.00
CA VAL A 67 -5.80 17.43 -23.51
C VAL A 67 -5.78 18.85 -24.05
N ARG A 68 -4.63 19.51 -24.00
CA ARG A 68 -4.54 20.87 -24.49
C ARG A 68 -4.89 20.88 -25.98
N ALA A 69 -4.13 20.13 -26.77
CA ALA A 69 -4.37 20.05 -28.21
C ALA A 69 -5.80 19.63 -28.56
N TYR A 70 -6.55 19.13 -27.58
CA TYR A 70 -7.91 18.71 -27.86
C TYR A 70 -8.95 19.72 -27.37
N GLY A 71 -8.50 20.90 -26.94
CA GLY A 71 -9.41 21.92 -26.47
C GLY A 71 -9.94 21.67 -25.07
N LEU A 72 -9.05 21.23 -24.19
CA LEU A 72 -9.40 20.93 -22.81
C LEU A 72 -8.21 21.13 -21.88
N ASN A 73 -8.51 21.16 -20.59
CA ASN A 73 -7.49 21.29 -19.56
C ASN A 73 -7.84 20.23 -18.51
N TYR A 74 -6.86 19.86 -17.70
CA TYR A 74 -7.04 18.83 -16.69
C TYR A 74 -8.38 18.92 -15.96
N SER A 75 -8.77 20.13 -15.59
CA SER A 75 -10.02 20.35 -14.85
C SER A 75 -11.27 19.91 -15.57
N THR A 76 -11.39 20.28 -16.85
CA THR A 76 -12.55 19.92 -17.65
C THR A 76 -12.58 18.45 -18.06
N PHE A 77 -11.41 17.85 -18.20
CA PHE A 77 -11.30 16.44 -18.59
C PHE A 77 -11.78 15.53 -17.47
N ILE A 78 -11.56 15.99 -16.25
CA ILE A 78 -11.95 15.22 -15.09
C ILE A 78 -13.43 15.35 -14.84
N ASN A 79 -13.91 16.57 -14.69
CA ASN A 79 -15.32 16.77 -14.43
C ASN A 79 -16.18 16.32 -15.61
N GLY A 80 -15.52 15.89 -16.69
CA GLY A 80 -16.23 15.42 -17.87
C GLY A 80 -16.23 13.90 -17.84
N LEU A 81 -15.10 13.33 -17.46
CA LEU A 81 -14.97 11.88 -17.35
C LEU A 81 -16.01 11.31 -16.40
N LYS A 82 -16.26 12.04 -15.32
CA LYS A 82 -17.21 11.62 -14.28
C LYS A 82 -18.66 11.63 -14.71
N LYS A 83 -19.00 12.50 -15.65
CA LYS A 83 -20.37 12.58 -16.13
C LYS A 83 -20.60 11.65 -17.30
N ALA A 84 -19.58 10.86 -17.61
CA ALA A 84 -19.66 9.91 -18.72
C ALA A 84 -19.60 8.49 -18.16
N GLY A 85 -19.37 8.37 -16.86
CA GLY A 85 -19.30 7.07 -16.21
C GLY A 85 -18.00 6.30 -16.46
N ILE A 86 -16.90 7.04 -16.59
CA ILE A 86 -15.61 6.42 -16.83
C ILE A 86 -14.81 6.49 -15.54
N GLU A 87 -14.50 5.32 -15.00
CA GLU A 87 -13.79 5.21 -13.75
C GLU A 87 -12.32 4.86 -13.90
N LEU A 88 -11.47 5.85 -14.16
CA LEU A 88 -10.05 5.58 -14.30
C LEU A 88 -9.18 6.55 -13.48
N ASP A 89 -8.08 6.01 -12.94
CA ASP A 89 -7.15 6.79 -12.12
C ASP A 89 -6.15 7.62 -12.92
N ARG A 90 -5.67 8.68 -12.31
CA ARG A 90 -4.68 9.56 -12.91
C ARG A 90 -3.41 8.81 -13.35
N LYS A 91 -3.03 7.76 -12.62
CA LYS A 91 -1.84 7.03 -13.03
C LYS A 91 -2.16 6.23 -14.28
N ILE A 92 -3.41 5.82 -14.42
CA ILE A 92 -3.81 5.08 -15.61
C ILE A 92 -3.94 6.11 -16.72
N LEU A 93 -4.65 7.22 -16.47
CA LEU A 93 -4.78 8.27 -17.48
C LEU A 93 -3.41 8.65 -18.05
N ALA A 94 -2.56 9.20 -17.18
CA ALA A 94 -1.24 9.61 -17.58
C ALA A 94 -0.46 8.56 -18.36
N ASP A 95 -0.61 7.29 -17.99
CA ASP A 95 0.13 6.20 -18.63
C ASP A 95 -0.29 5.98 -20.06
N ALA A 97 -1.80 7.96 -22.15
CA ALA A 97 -1.43 9.04 -23.04
C ALA A 97 -0.08 8.84 -23.75
N VAL A 98 0.77 7.97 -23.22
CA VAL A 98 2.06 7.74 -23.84
C VAL A 98 2.19 6.31 -24.34
N ARG A 99 1.46 5.39 -23.72
CA ARG A 99 1.53 3.99 -24.12
C ARG A 99 0.68 3.70 -25.36
N ASP A 100 -0.53 4.26 -25.40
CA ASP A 100 -1.44 4.06 -26.51
C ASP A 100 -2.21 5.35 -26.81
N PRO A 101 -1.55 6.30 -27.49
CA PRO A 101 -2.10 7.61 -27.87
C PRO A 101 -3.46 7.59 -28.57
N GLN A 102 -3.69 6.62 -29.46
CA GLN A 102 -4.98 6.59 -30.13
C GLN A 102 -6.12 6.16 -29.21
N ALA A 103 -5.85 5.20 -28.33
CA ALA A 103 -6.88 4.77 -27.39
C ALA A 103 -7.21 5.96 -26.48
N PHE A 104 -6.18 6.69 -26.06
CA PHE A 104 -6.36 7.86 -25.20
C PHE A 104 -7.32 8.85 -25.88
N GLU A 105 -7.18 8.99 -27.19
CA GLU A 105 -8.00 9.89 -28.00
C GLU A 105 -9.48 9.54 -27.87
N GLN A 106 -9.78 8.24 -27.86
CA GLN A 106 -11.15 7.75 -27.72
C GLN A 106 -11.81 8.29 -26.45
N VAL A 107 -11.20 8.02 -25.29
CA VAL A 107 -11.73 8.50 -24.01
C VAL A 107 -12.06 9.99 -24.07
N VAL A 108 -11.15 10.78 -24.66
CA VAL A 108 -11.36 12.21 -24.83
C VAL A 108 -12.65 12.45 -25.64
N ASN A 109 -12.76 11.83 -26.81
CA ASN A 109 -13.95 11.98 -27.65
C ASN A 109 -15.22 11.59 -26.89
N LYS A 110 -15.17 10.47 -26.18
CA LYS A 110 -16.31 10.00 -25.42
C LYS A 110 -16.65 10.99 -24.32
N VAL A 111 -15.68 11.84 -23.99
CA VAL A 111 -15.90 12.85 -22.96
C VAL A 111 -16.38 14.14 -23.62
N LYS A 112 -15.84 14.49 -24.79
CA LYS A 112 -16.29 15.70 -25.47
C LYS A 112 -17.77 15.51 -25.85
N GLU A 113 -18.14 14.26 -26.11
CA GLU A 113 -19.51 13.90 -26.47
C GLU A 113 -20.42 14.07 -25.27
N ALA A 114 -19.97 13.57 -24.13
CA ALA A 114 -20.75 13.67 -22.91
C ALA A 114 -20.93 15.13 -22.48
N LEU A 115 -19.91 15.95 -22.74
CA LEU A 115 -19.93 17.35 -22.38
C LEU A 115 -20.76 18.20 -23.33
N GLN A 116 -20.36 18.26 -24.59
CA GLN A 116 -21.07 19.04 -25.60
C GLN A 116 -22.37 18.34 -25.99
N VAL A 117 -23.45 18.73 -25.32
CA VAL A 117 -24.76 18.16 -25.56
C VAL A 117 -25.91 19.16 -25.37
N GLN A 118 -26.47 19.66 -26.47
CA GLN A 118 -27.58 20.60 -26.39
C GLN A 118 -28.63 20.27 -27.46
N SER B 27 8.48 -14.00 -26.89
CA SER B 27 8.24 -15.38 -26.36
C SER B 27 6.73 -15.62 -26.18
N ARG B 28 6.18 -16.53 -26.98
CA ARG B 28 4.76 -16.83 -26.90
C ARG B 28 4.34 -17.23 -25.48
N SER B 29 5.02 -18.21 -24.90
CA SER B 29 4.70 -18.64 -23.55
C SER B 29 4.63 -17.42 -22.61
N TYR B 30 5.67 -16.57 -22.67
CA TYR B 30 5.75 -15.37 -21.83
C TYR B 30 4.57 -14.43 -21.96
N ARG B 31 4.15 -14.15 -23.19
CA ARG B 31 3.03 -13.24 -23.36
C ARG B 31 1.75 -13.84 -22.81
N ARG B 32 1.60 -15.14 -23.01
CA ARG B 32 0.41 -15.85 -22.55
C ARG B 32 0.21 -15.68 -21.05
N ALA B 33 1.27 -15.90 -20.29
CA ALA B 33 1.22 -15.74 -18.82
C ALA B 33 0.96 -14.28 -18.43
N LYS B 34 1.51 -13.37 -19.23
CA LYS B 34 1.35 -11.94 -18.99
C LYS B 34 -0.10 -11.53 -19.17
N GLU B 35 -0.73 -12.10 -20.20
CA GLU B 35 -2.13 -11.83 -20.52
C GLU B 35 -3.02 -12.33 -19.40
N ALA B 36 -2.64 -13.47 -18.83
CA ALA B 36 -3.39 -14.05 -17.74
C ALA B 36 -3.30 -13.07 -16.57
N VAL B 37 -2.08 -12.66 -16.28
CA VAL B 37 -1.85 -11.72 -15.19
C VAL B 37 -2.66 -10.43 -15.44
N ARG B 39 -5.49 -10.02 -16.95
CA ARG B 39 -6.92 -10.17 -16.70
C ARG B 39 -7.25 -10.26 -15.21
N ALA B 40 -6.34 -10.84 -14.43
CA ALA B 40 -6.56 -10.96 -13.00
C ALA B 40 -6.57 -9.57 -12.37
N LEU B 41 -5.60 -8.74 -12.77
CA LEU B 41 -5.49 -7.40 -12.22
C LEU B 41 -6.67 -6.49 -12.53
N TYR B 42 -7.19 -6.59 -13.75
CA TYR B 42 -8.35 -5.80 -14.15
C TYR B 42 -9.51 -6.09 -13.19
N TYR B 43 -9.71 -7.39 -12.93
CA TYR B 43 -10.76 -7.84 -12.03
C TYR B 43 -10.70 -7.07 -10.70
N GLN B 44 -9.50 -6.99 -10.14
CA GLN B 44 -9.24 -6.30 -8.88
C GLN B 44 -9.55 -4.82 -8.94
N TYR B 45 -8.86 -4.12 -9.83
CA TYR B 45 -9.10 -2.69 -10.01
C TYR B 45 -10.60 -2.44 -10.12
N ARG B 46 -11.26 -3.25 -10.93
CA ARG B 46 -12.69 -3.06 -11.13
C ARG B 46 -13.53 -3.36 -9.93
N ASP B 47 -13.14 -4.37 -9.14
CA ASP B 47 -13.91 -4.75 -7.95
C ASP B 47 -13.76 -3.71 -6.84
N ARG B 48 -12.54 -3.17 -6.72
CA ARG B 48 -12.22 -2.15 -5.74
C ARG B 48 -12.98 -0.85 -5.97
N LYS B 49 -13.02 -0.39 -7.22
CA LYS B 49 -13.73 0.84 -7.57
C LYS B 49 -15.23 0.67 -7.44
N LEU B 50 -15.67 -0.57 -7.25
CA LEU B 50 -17.09 -0.83 -7.12
C LEU B 50 -17.53 -1.13 -5.69
N ARG B 51 -16.60 -1.04 -4.74
CA ARG B 51 -16.95 -1.31 -3.35
C ARG B 51 -16.36 -0.38 -2.28
N LYS B 52 -15.26 0.29 -2.59
CA LYS B 52 -14.64 1.16 -1.59
C LYS B 52 -15.35 2.47 -1.30
N ARG B 53 -15.52 2.77 -0.01
CA ARG B 53 -16.15 4.01 0.42
C ARG B 53 -15.27 4.67 1.49
N GLU B 54 -15.41 5.98 1.64
CA GLU B 54 -14.66 6.74 2.63
C GLU B 54 -15.65 7.24 3.68
N PHE B 55 -15.14 7.61 4.85
CA PHE B 55 -16.01 8.08 5.93
C PHE B 55 -15.43 9.30 6.63
N ARG B 56 -14.75 10.14 5.85
CA ARG B 56 -14.11 11.35 6.35
C ARG B 56 -14.93 12.21 7.30
N ARG B 57 -16.24 12.29 7.09
CA ARG B 57 -17.05 13.10 7.99
C ARG B 57 -17.16 12.41 9.34
N LEU B 58 -17.22 11.07 9.31
CA LEU B 58 -17.31 10.29 10.52
C LEU B 58 -16.06 10.59 11.38
N TRP B 59 -14.89 10.35 10.83
CA TRP B 59 -13.60 10.58 11.48
C TRP B 59 -13.41 12.01 12.01
N ILE B 60 -13.61 13.00 11.14
CA ILE B 60 -13.48 14.39 11.55
C ILE B 60 -14.35 14.67 12.78
N ALA B 61 -15.56 14.12 12.80
CA ALA B 61 -16.50 14.33 13.91
C ALA B 61 -16.07 13.65 15.21
N ARG B 62 -15.54 12.43 15.09
CA ARG B 62 -15.06 11.70 16.25
C ARG B 62 -13.82 12.38 16.79
N ILE B 63 -13.00 12.93 15.90
CA ILE B 63 -11.78 13.62 16.31
C ILE B 63 -12.13 14.87 17.08
N ASN B 64 -12.87 15.75 16.43
CA ASN B 64 -13.25 16.99 17.05
C ASN B 64 -13.86 16.80 18.45
N ALA B 65 -14.75 15.84 18.61
CA ALA B 65 -15.39 15.60 19.90
C ALA B 65 -14.46 15.10 21.02
N ALA B 66 -13.46 14.30 20.67
CA ALA B 66 -12.53 13.79 21.67
C ALA B 66 -11.54 14.86 22.09
N VAL B 67 -11.39 15.87 21.25
CA VAL B 67 -10.45 16.94 21.48
C VAL B 67 -11.01 18.17 22.25
N ARG B 68 -12.32 18.17 22.50
CA ARG B 68 -12.92 19.27 23.21
C ARG B 68 -12.54 19.22 24.67
N ALA B 69 -12.56 18.01 25.23
CA ALA B 69 -12.22 17.79 26.63
C ALA B 69 -10.92 18.45 27.08
N TYR B 70 -10.04 18.78 26.14
CA TYR B 70 -8.77 19.43 26.48
C TYR B 70 -8.77 20.88 25.97
N GLY B 71 -9.97 21.42 25.79
CA GLY B 71 -10.14 22.80 25.34
C GLY B 71 -9.79 23.14 23.90
N LEU B 72 -9.69 22.13 23.04
CA LEU B 72 -9.35 22.34 21.64
C LEU B 72 -10.52 21.94 20.76
N ASN B 73 -10.34 22.10 19.45
CA ASN B 73 -11.34 21.69 18.45
C ASN B 73 -10.59 21.10 17.26
N TYR B 74 -11.32 20.45 16.35
CA TYR B 74 -10.70 19.84 15.16
C TYR B 74 -9.73 20.76 14.42
N SER B 75 -10.14 21.99 14.14
CA SER B 75 -9.30 22.95 13.41
C SER B 75 -7.98 23.27 14.09
N THR B 76 -8.05 23.62 15.37
CA THR B 76 -6.85 23.96 16.14
C THR B 76 -5.96 22.73 16.28
N PHE B 77 -6.55 21.59 16.64
CA PHE B 77 -5.79 20.36 16.78
C PHE B 77 -5.03 19.94 15.52
N ILE B 78 -5.76 19.87 14.40
CA ILE B 78 -5.20 19.47 13.10
C ILE B 78 -4.18 20.44 12.56
N ASN B 79 -4.49 21.73 12.63
CA ASN B 79 -3.59 22.75 12.15
C ASN B 79 -2.26 22.74 12.89
N GLY B 80 -2.31 22.55 14.21
CA GLY B 80 -1.09 22.51 14.98
C GLY B 80 -0.28 21.27 14.64
N LEU B 81 -0.94 20.12 14.71
CA LEU B 81 -0.29 18.84 14.42
C LEU B 81 0.34 18.88 13.02
N LYS B 82 -0.25 19.72 12.15
CA LYS B 82 0.23 19.89 10.78
C LYS B 82 1.57 20.60 10.68
N LYS B 83 1.95 21.30 11.74
CA LYS B 83 3.20 22.04 11.75
C LYS B 83 4.42 21.13 11.57
N ALA B 84 4.20 19.94 11.01
CA ALA B 84 5.26 18.99 10.77
C ALA B 84 5.45 18.74 9.29
N GLY B 85 4.55 19.27 8.47
CA GLY B 85 4.68 19.10 7.02
C GLY B 85 4.14 17.84 6.34
N ILE B 86 3.53 16.92 7.09
CA ILE B 86 2.96 15.72 6.49
C ILE B 86 1.50 15.60 6.85
N GLU B 87 0.72 15.00 5.95
CA GLU B 87 -0.70 14.83 6.19
C GLU B 87 -0.92 13.49 6.87
N LEU B 88 -1.36 13.53 8.12
CA LEU B 88 -1.61 12.31 8.86
C LEU B 88 -3.06 11.86 8.61
N ASP B 89 -3.27 10.56 8.50
CA ASP B 89 -4.60 10.04 8.23
C ASP B 89 -5.56 10.13 9.41
N ARG B 90 -6.72 10.75 9.14
CA ARG B 90 -7.78 10.94 10.12
C ARG B 90 -8.35 9.67 10.71
N LYS B 91 -8.40 8.59 9.96
CA LYS B 91 -8.96 7.40 10.56
C LYS B 91 -8.10 6.94 11.71
N ILE B 92 -6.79 7.04 11.54
CA ILE B 92 -5.84 6.65 12.58
C ILE B 92 -6.15 7.39 13.89
N LEU B 93 -6.16 8.72 13.79
CA LEU B 93 -6.43 9.56 14.94
C LEU B 93 -7.75 9.22 15.59
N ALA B 94 -8.82 9.19 14.80
CA ALA B 94 -10.14 8.90 15.32
C ALA B 94 -10.14 7.56 16.01
N ASP B 95 -9.60 6.57 15.34
CA ASP B 95 -9.53 5.23 15.91
C ASP B 95 -8.75 5.24 17.24
N ALA B 97 -8.31 7.77 19.59
CA ALA B 97 -9.15 8.38 20.63
C ALA B 97 -10.21 7.44 21.22
N VAL B 98 -10.51 6.33 20.55
CA VAL B 98 -11.52 5.42 21.06
C VAL B 98 -10.90 4.17 21.68
N ARG B 99 -10.04 3.50 20.90
CA ARG B 99 -9.37 2.28 21.35
C ARG B 99 -8.25 2.46 22.38
N ASP B 100 -7.68 3.66 22.49
CA ASP B 100 -6.63 3.89 23.48
C ASP B 100 -6.47 5.37 23.86
N PRO B 101 -7.40 5.88 24.68
CA PRO B 101 -7.40 7.27 25.15
C PRO B 101 -6.14 7.73 25.89
N GLN B 102 -5.44 6.81 26.52
CA GLN B 102 -4.23 7.15 27.25
C GLN B 102 -3.26 7.73 26.23
N ALA B 103 -2.95 6.92 25.22
CA ALA B 103 -2.05 7.35 24.16
C ALA B 103 -2.56 8.63 23.52
N PHE B 104 -3.82 8.63 23.14
CA PHE B 104 -4.39 9.80 22.50
C PHE B 104 -4.12 11.11 23.25
N GLU B 105 -4.17 11.06 24.59
CA GLU B 105 -3.94 12.24 25.43
C GLU B 105 -2.51 12.78 25.28
N GLN B 106 -1.56 11.87 25.13
CA GLN B 106 -0.19 12.29 24.94
C GLN B 106 -0.11 13.08 23.63
N VAL B 107 -0.68 12.52 22.56
CA VAL B 107 -0.69 13.19 21.26
C VAL B 107 -1.27 14.60 21.40
N VAL B 108 -2.35 14.71 22.14
CA VAL B 108 -3.01 15.99 22.36
C VAL B 108 -2.15 16.97 23.13
N ASN B 109 -1.40 16.48 24.11
CA ASN B 109 -0.54 17.37 24.94
C ASN B 109 0.69 17.80 24.17
N LYS B 110 1.23 16.89 23.39
CA LYS B 110 2.40 17.18 22.57
C LYS B 110 2.04 18.22 21.50
N VAL B 111 0.77 18.27 21.11
CA VAL B 111 0.30 19.26 20.14
C VAL B 111 0.14 20.57 20.89
N LYS B 112 -0.45 20.52 22.08
CA LYS B 112 -0.64 21.73 22.89
C LYS B 112 0.72 22.42 22.99
N GLU B 113 1.75 21.64 23.30
CA GLU B 113 3.09 22.16 23.42
C GLU B 113 3.46 22.94 22.17
N ALA B 114 3.54 22.25 21.05
CA ALA B 114 3.90 22.87 19.77
C ALA B 114 3.23 24.22 19.51
N LEU B 115 1.93 24.31 19.82
CA LEU B 115 1.15 25.53 19.59
C LEU B 115 1.50 26.63 20.58
N GLN B 116 1.85 26.25 21.81
CA GLN B 116 2.21 27.23 22.82
C GLN B 116 3.59 27.80 22.55
N VAL B 117 4.48 26.99 21.98
CA VAL B 117 5.84 27.42 21.67
C VAL B 117 5.90 28.02 20.27
N GLN B 118 4.73 28.42 19.76
CA GLN B 118 4.60 29.01 18.44
C GLN B 118 5.25 30.39 18.41
N LEU C 18 -19.01 4.25 -22.66
CA LEU C 18 -18.20 4.15 -21.41
C LEU C 18 -17.56 2.76 -21.30
N ALA C 19 -16.97 2.32 -22.40
CA ALA C 19 -16.31 1.02 -22.47
C ALA C 19 -15.03 1.03 -21.65
N LYS C 20 -14.99 1.84 -20.59
CA LYS C 20 -13.81 1.95 -19.75
C LYS C 20 -14.17 1.87 -18.27
N GLY C 21 -14.96 2.82 -17.79
CA GLY C 21 -15.34 2.82 -16.39
C GLY C 21 -16.13 1.56 -16.05
N TYR C 22 -17.38 1.50 -16.52
CA TYR C 22 -18.23 0.35 -16.30
C TYR C 22 -18.99 0.06 -17.59
N ARG C 23 -19.58 -1.14 -17.69
CA ARG C 23 -20.32 -1.54 -18.89
C ARG C 23 -19.37 -1.78 -20.06
N GLY C 24 -19.10 -3.05 -20.34
CA GLY C 24 -18.18 -3.40 -21.42
C GLY C 24 -18.75 -3.54 -22.82
N GLN C 25 -19.28 -2.44 -23.37
CA GLN C 25 -19.87 -2.42 -24.71
C GLN C 25 -18.93 -3.07 -25.74
N ARG C 26 -19.50 -3.92 -26.60
CA ARG C 26 -18.72 -4.62 -27.62
C ARG C 26 -18.27 -3.74 -28.78
N SER C 27 -17.74 -2.56 -28.47
CA SER C 27 -17.29 -1.63 -29.51
C SER C 27 -15.78 -1.64 -29.74
N ARG C 28 -15.35 -1.04 -30.85
CA ARG C 28 -13.93 -0.97 -31.19
C ARG C 28 -13.19 -0.21 -30.10
N SER C 29 -13.87 0.78 -29.54
CA SER C 29 -13.30 1.60 -28.47
C SER C 29 -13.02 0.73 -27.25
N TYR C 30 -14.02 -0.01 -26.82
CA TYR C 30 -13.90 -0.90 -25.66
C TYR C 30 -12.58 -1.64 -25.73
N ARG C 31 -12.56 -2.75 -26.44
CA ARG C 31 -11.35 -3.55 -26.58
C ARG C 31 -10.09 -2.69 -26.54
N ARG C 32 -10.00 -1.73 -27.45
CA ARG C 32 -8.81 -0.87 -27.51
C ARG C 32 -8.48 -0.18 -26.18
N ALA C 33 -9.45 0.53 -25.60
CA ALA C 33 -9.22 1.20 -24.32
C ALA C 33 -9.02 0.20 -23.19
N LYS C 34 -9.72 -0.94 -23.22
CA LYS C 34 -9.59 -1.95 -22.19
C LYS C 34 -8.21 -2.60 -22.18
N GLU C 35 -7.64 -2.82 -23.36
CA GLU C 35 -6.31 -3.41 -23.42
C GLU C 35 -5.33 -2.42 -22.83
N ALA C 36 -5.52 -1.15 -23.16
CA ALA C 36 -4.69 -0.06 -22.64
C ALA C 36 -4.68 -0.05 -21.11
N VAL C 37 -5.86 -0.07 -20.50
CA VAL C 37 -5.96 -0.10 -19.06
C VAL C 37 -5.12 -1.26 -18.51
N ARG C 39 -2.70 -2.95 -19.68
CA ARG C 39 -1.25 -2.83 -19.90
C ARG C 39 -0.67 -1.83 -18.91
N ALA C 40 -1.43 -0.78 -18.61
CA ALA C 40 -0.96 0.19 -17.66
C ALA C 40 -0.93 -0.48 -16.31
N LEU C 41 -1.91 -1.34 -16.04
CA LEU C 41 -1.97 -2.06 -14.77
C LEU C 41 -0.85 -3.08 -14.63
N TYR C 42 -0.63 -3.92 -15.65
CA TYR C 42 0.43 -4.91 -15.58
C TYR C 42 1.78 -4.28 -15.36
N TYR C 43 2.01 -3.12 -15.98
CA TYR C 43 3.31 -2.50 -15.82
C TYR C 43 3.54 -1.87 -14.46
N GLN C 44 2.59 -1.09 -13.99
CA GLN C 44 2.73 -0.45 -12.70
C GLN C 44 2.80 -1.50 -11.61
N TYR C 45 2.16 -2.65 -11.83
CA TYR C 45 2.16 -3.72 -10.85
C TYR C 45 3.52 -4.40 -10.82
N ARG C 46 4.14 -4.57 -11.97
CA ARG C 46 5.42 -5.23 -12.02
C ARG C 46 6.51 -4.38 -11.39
N ASP C 47 6.39 -3.07 -11.53
CA ASP C 47 7.39 -2.18 -10.97
C ASP C 47 7.32 -2.18 -9.45
N ARG C 48 6.11 -2.22 -8.90
CA ARG C 48 5.98 -2.24 -7.45
C ARG C 48 6.65 -3.51 -6.96
N LYS C 49 6.10 -4.66 -7.33
CA LYS C 49 6.65 -5.96 -6.91
C LYS C 49 8.18 -5.98 -6.95
N LEU C 50 8.74 -5.58 -8.09
CA LEU C 50 10.19 -5.56 -8.31
C LEU C 50 10.92 -4.61 -7.37
N ARG C 51 10.44 -3.37 -7.30
CA ARG C 51 11.06 -2.38 -6.43
C ARG C 51 10.98 -2.89 -4.99
N LYS C 52 9.86 -3.50 -4.64
CA LYS C 52 9.64 -4.02 -3.31
C LYS C 52 10.56 -5.21 -3.07
N ARG C 53 11.10 -5.75 -4.15
CA ARG C 53 11.95 -6.93 -4.10
C ARG C 53 13.42 -6.60 -3.97
N GLU C 54 13.82 -5.43 -4.46
CA GLU C 54 15.21 -5.01 -4.36
C GLU C 54 15.48 -4.63 -2.91
N PHE C 55 14.55 -3.89 -2.31
CA PHE C 55 14.70 -3.49 -0.92
C PHE C 55 14.78 -4.73 -0.03
N ARG C 56 13.75 -5.57 -0.10
CA ARG C 56 13.73 -6.80 0.73
C ARG C 56 15.12 -7.46 0.76
N ARG C 57 15.81 -7.46 -0.38
CA ARG C 57 17.14 -8.05 -0.46
C ARG C 57 18.16 -7.17 0.27
N LEU C 58 18.02 -5.85 0.11
CA LEU C 58 18.92 -4.90 0.74
C LEU C 58 18.89 -5.04 2.26
N TRP C 59 17.69 -4.94 2.82
CA TRP C 59 17.49 -5.08 4.26
C TRP C 59 18.22 -6.29 4.80
N ILE C 60 17.76 -7.47 4.41
CA ILE C 60 18.35 -8.74 4.84
C ILE C 60 19.87 -8.77 4.74
N ALA C 61 20.43 -8.12 3.72
CA ALA C 61 21.88 -8.12 3.54
C ALA C 61 22.61 -7.28 4.59
N ARG C 62 21.97 -6.21 5.03
CA ARG C 62 22.56 -5.35 6.05
C ARG C 62 22.41 -6.03 7.41
N ILE C 63 21.17 -6.25 7.84
CA ILE C 63 20.87 -6.91 9.10
C ILE C 63 21.78 -8.11 9.34
N ASN C 64 22.13 -8.84 8.28
CA ASN C 64 23.02 -10.00 8.39
C ASN C 64 24.42 -9.51 8.76
N ALA C 65 24.99 -8.69 7.88
CA ALA C 65 26.32 -8.12 8.06
C ALA C 65 26.47 -7.37 9.40
N ALA C 66 25.38 -6.85 9.91
CA ALA C 66 25.43 -6.10 11.15
C ALA C 66 25.41 -6.99 12.37
N VAL C 67 24.78 -8.14 12.26
CA VAL C 67 24.68 -9.07 13.40
C VAL C 67 25.89 -9.98 13.38
N ARG C 68 26.77 -9.74 12.43
CA ARG C 68 27.99 -10.51 12.23
C ARG C 68 28.91 -10.49 13.45
N ALA C 69 29.50 -9.33 13.73
CA ALA C 69 30.40 -9.17 14.86
C ALA C 69 29.83 -9.61 16.22
N TYR C 70 28.51 -9.63 16.36
CA TYR C 70 27.94 -10.05 17.63
C TYR C 70 27.74 -11.56 17.66
N GLY C 71 28.35 -12.26 16.71
CA GLY C 71 28.25 -13.72 16.66
C GLY C 71 26.89 -14.31 16.33
N LEU C 72 26.32 -13.89 15.19
CA LEU C 72 25.02 -14.38 14.74
C LEU C 72 24.87 -14.05 13.26
N ASN C 73 23.81 -14.57 12.65
CA ASN C 73 23.53 -14.27 11.26
C ASN C 73 22.05 -13.95 11.17
N TYR C 74 21.59 -13.52 10.00
CA TYR C 74 20.19 -13.16 9.82
C TYR C 74 19.23 -14.25 10.27
N SER C 75 19.59 -15.51 10.01
CA SER C 75 18.74 -16.64 10.38
C SER C 75 18.53 -16.72 11.89
N THR C 76 19.61 -16.89 12.63
CA THR C 76 19.55 -16.99 14.09
C THR C 76 18.93 -15.77 14.74
N PHE C 77 19.23 -14.59 14.21
CA PHE C 77 18.71 -13.35 14.76
C PHE C 77 17.20 -13.24 14.62
N ILE C 78 16.66 -13.87 13.58
CA ILE C 78 15.24 -13.80 13.37
C ILE C 78 14.55 -14.84 14.24
N ASN C 79 15.24 -15.96 14.46
CA ASN C 79 14.70 -17.02 15.30
C ASN C 79 14.63 -16.47 16.72
N GLY C 80 15.64 -15.69 17.09
CA GLY C 80 15.69 -15.13 18.42
C GLY C 80 14.64 -14.06 18.66
N LEU C 81 14.48 -13.15 17.70
CA LEU C 81 13.50 -12.09 17.84
C LEU C 81 12.13 -12.68 18.11
N LYS C 82 11.91 -13.89 17.59
CA LYS C 82 10.62 -14.55 17.77
C LYS C 82 10.43 -15.29 19.07
N LYS C 83 11.52 -15.83 19.63
CA LYS C 83 11.42 -16.54 20.91
C LYS C 83 11.29 -15.53 22.05
N ALA C 84 11.79 -14.32 21.81
CA ALA C 84 11.72 -13.28 22.83
C ALA C 84 10.45 -12.44 22.68
N GLY C 85 9.62 -12.77 21.70
CA GLY C 85 8.39 -12.03 21.49
C GLY C 85 8.64 -10.58 21.12
N ILE C 86 9.45 -10.37 20.09
CA ILE C 86 9.75 -9.02 19.64
C ILE C 86 9.27 -8.89 18.20
N GLU C 87 8.21 -8.12 18.00
CA GLU C 87 7.63 -7.92 16.67
C GLU C 87 8.13 -6.68 15.97
N LEU C 88 9.26 -6.80 15.29
CA LEU C 88 9.83 -5.68 14.57
C LEU C 88 10.14 -6.10 13.12
N ASP C 89 9.88 -5.20 12.18
CA ASP C 89 10.12 -5.46 10.75
C ASP C 89 11.60 -5.39 10.41
N ARG C 90 11.98 -6.05 9.32
CA ARG C 90 13.38 -6.03 8.88
C ARG C 90 13.64 -4.64 8.30
N LYS C 91 12.55 -3.95 7.96
CA LYS C 91 12.62 -2.61 7.43
C LYS C 91 12.98 -1.71 8.60
N ILE C 92 12.32 -1.93 9.74
CA ILE C 92 12.56 -1.18 10.96
C ILE C 92 13.97 -1.52 11.42
N LEU C 93 14.27 -2.83 11.47
CA LEU C 93 15.57 -3.36 11.88
C LEU C 93 16.74 -2.75 11.12
N ALA C 94 16.73 -2.87 9.80
CA ALA C 94 17.81 -2.35 8.97
C ALA C 94 17.92 -0.85 9.13
N ASP C 95 16.89 -0.23 9.70
CA ASP C 95 16.93 1.19 9.88
C ASP C 95 17.63 1.54 11.15
N ALA C 97 19.69 -0.22 12.88
CA ALA C 97 21.09 -0.62 12.74
C ALA C 97 22.02 0.52 12.34
N VAL C 98 21.51 1.50 11.60
CA VAL C 98 22.34 2.64 11.18
C VAL C 98 21.97 3.93 11.89
N ARG C 99 20.70 4.08 12.23
CA ARG C 99 20.24 5.30 12.88
C ARG C 99 20.66 5.36 14.36
N ASP C 100 20.43 4.27 15.09
CA ASP C 100 20.78 4.22 16.49
C ASP C 100 21.47 2.91 16.81
N PRO C 101 22.73 2.77 16.36
CA PRO C 101 23.54 1.57 16.57
C PRO C 101 23.53 0.99 17.98
N GLN C 102 23.40 1.85 18.97
CA GLN C 102 23.35 1.43 20.37
C GLN C 102 22.05 0.70 20.69
N ALA C 103 20.93 1.33 20.37
CA ALA C 103 19.64 0.71 20.60
C ALA C 103 19.61 -0.64 19.89
N PHE C 104 20.20 -0.70 18.70
CA PHE C 104 20.24 -1.94 17.95
C PHE C 104 20.91 -3.03 18.80
N GLU C 105 22.07 -2.68 19.35
CA GLU C 105 22.84 -3.58 20.19
C GLU C 105 21.98 -4.14 21.30
N GLN C 106 21.11 -3.31 21.85
CA GLN C 106 20.23 -3.75 22.91
C GLN C 106 19.24 -4.84 22.43
N VAL C 107 18.79 -4.79 21.17
CA VAL C 107 17.87 -5.84 20.70
C VAL C 107 18.68 -7.11 20.49
N VAL C 108 19.91 -6.94 20.04
CA VAL C 108 20.80 -8.07 19.84
C VAL C 108 20.92 -8.82 21.17
N ASN C 109 21.46 -8.13 22.17
CA ASN C 109 21.66 -8.70 23.50
C ASN C 109 20.43 -9.33 24.11
N LYS C 110 19.26 -8.92 23.65
CA LYS C 110 18.01 -9.46 24.16
C LYS C 110 17.74 -10.77 23.45
N VAL C 111 18.08 -10.83 22.17
CA VAL C 111 17.89 -12.05 21.40
C VAL C 111 18.91 -13.08 21.86
N LYS C 112 20.17 -12.66 21.97
CA LYS C 112 21.24 -13.58 22.39
C LYS C 112 20.93 -14.17 23.76
N GLU C 113 20.57 -13.31 24.69
CA GLU C 113 20.20 -13.75 26.03
C GLU C 113 19.18 -14.86 25.84
N ALA C 114 17.97 -14.45 25.48
CA ALA C 114 16.87 -15.37 25.24
C ALA C 114 17.35 -16.68 24.63
N LEU C 115 18.08 -16.58 23.52
CA LEU C 115 18.59 -17.77 22.83
C LEU C 115 19.18 -18.81 23.77
N GLN C 116 20.29 -18.49 24.42
CA GLN C 116 20.91 -19.44 25.34
C GLN C 116 19.99 -19.77 26.53
N VAL C 117 19.74 -21.05 26.76
CA VAL C 117 18.89 -21.50 27.87
C VAL C 117 19.60 -22.66 28.57
N GLN C 118 20.50 -22.33 29.49
CA GLN C 118 21.29 -23.33 30.21
C GLN C 118 22.09 -24.09 29.17
N SER D 27 12.49 24.19 13.87
CA SER D 27 12.06 25.05 15.02
C SER D 27 11.57 24.21 16.18
N ARG D 28 11.06 24.85 17.22
CA ARG D 28 10.54 24.14 18.38
C ARG D 28 9.15 23.60 18.10
N SER D 29 8.31 24.42 17.47
CA SER D 29 6.98 23.97 17.12
C SER D 29 7.14 22.71 16.25
N TYR D 30 8.10 22.74 15.33
CA TYR D 30 8.36 21.59 14.47
C TYR D 30 8.69 20.32 15.24
N ARG D 31 9.67 20.42 16.14
CA ARG D 31 10.08 19.28 16.94
C ARG D 31 8.87 18.63 17.59
N ARG D 32 8.11 19.40 18.36
CA ARG D 32 6.91 18.92 19.06
C ARG D 32 5.90 18.20 18.19
N ALA D 33 5.61 18.79 17.03
CA ALA D 33 4.65 18.23 16.08
C ALA D 33 5.14 16.86 15.60
N LYS D 34 6.44 16.76 15.36
CA LYS D 34 7.03 15.52 14.91
C LYS D 34 6.77 14.45 15.96
N GLU D 35 6.95 14.83 17.23
CA GLU D 35 6.77 13.92 18.35
C GLU D 35 5.37 13.35 18.51
N ALA D 36 4.37 14.14 18.16
CA ALA D 36 3.00 13.68 18.24
C ALA D 36 2.72 12.74 17.06
N VAL D 37 3.33 13.00 15.91
CA VAL D 37 3.12 12.14 14.76
C VAL D 37 3.75 10.80 15.06
N ARG D 39 4.03 9.34 18.13
CA ARG D 39 3.14 8.58 19.00
C ARG D 39 2.00 7.93 18.21
N ALA D 40 1.49 8.64 17.22
CA ALA D 40 0.40 8.17 16.36
C ALA D 40 0.82 6.95 15.53
N LEU D 41 1.89 7.08 14.78
CA LEU D 41 2.37 5.97 13.97
C LEU D 41 2.72 4.75 14.79
N TYR D 42 3.20 4.97 16.03
CA TYR D 42 3.56 3.83 16.87
C TYR D 42 2.27 3.09 17.16
N TYR D 43 1.21 3.86 17.42
CA TYR D 43 -0.09 3.30 17.70
C TYR D 43 -0.52 2.36 16.57
N GLN D 44 -0.53 2.91 15.36
CA GLN D 44 -0.92 2.13 14.18
C GLN D 44 -0.15 0.82 14.14
N TYR D 45 1.17 0.94 14.02
CA TYR D 45 2.05 -0.21 13.95
C TYR D 45 1.76 -1.30 14.98
N ARG D 46 1.62 -0.89 16.24
CA ARG D 46 1.36 -1.82 17.33
C ARG D 46 0.05 -2.59 17.12
N ASP D 47 -1.04 -1.83 16.94
CA ASP D 47 -2.38 -2.39 16.73
C ASP D 47 -2.45 -3.31 15.50
N ARG D 48 -1.73 -2.92 14.46
CA ARG D 48 -1.66 -3.71 13.26
C ARG D 48 -0.92 -5.01 13.60
N LYS D 49 0.31 -4.92 14.08
CA LYS D 49 1.08 -6.11 14.44
C LYS D 49 0.31 -7.01 15.41
N LEU D 50 -0.63 -6.43 16.14
CA LEU D 50 -1.42 -7.16 17.12
C LEU D 50 -2.72 -7.76 16.55
N ARG D 51 -3.21 -7.21 15.45
CA ARG D 51 -4.46 -7.71 14.86
C ARG D 51 -4.38 -8.18 13.40
N LYS D 52 -3.19 -8.56 12.95
CA LYS D 52 -3.02 -9.03 11.57
C LYS D 52 -3.22 -10.53 11.45
N ARG D 53 -3.86 -10.95 10.36
CA ARG D 53 -4.14 -12.35 10.12
C ARG D 53 -3.90 -12.69 8.65
N GLU D 54 -3.27 -13.83 8.41
CA GLU D 54 -2.98 -14.28 7.04
C GLU D 54 -3.84 -15.53 6.82
N PHE D 55 -4.36 -15.69 5.59
CA PHE D 55 -5.20 -16.84 5.29
C PHE D 55 -4.74 -17.63 4.06
N ARG D 56 -3.42 -17.64 3.85
CA ARG D 56 -2.82 -18.33 2.72
C ARG D 56 -3.42 -19.71 2.44
N ARG D 57 -3.64 -20.47 3.50
CA ARG D 57 -4.21 -21.81 3.40
C ARG D 57 -5.56 -21.86 2.66
N LEU D 58 -6.41 -20.87 2.95
CA LEU D 58 -7.75 -20.73 2.38
C LEU D 58 -7.67 -20.49 0.88
N TRP D 59 -6.95 -19.46 0.51
CA TRP D 59 -6.78 -19.12 -0.88
C TRP D 59 -6.29 -20.30 -1.75
N ILE D 60 -5.19 -20.94 -1.35
CA ILE D 60 -4.67 -22.07 -2.10
C ILE D 60 -5.70 -23.19 -2.26
N ALA D 61 -6.53 -23.37 -1.23
CA ALA D 61 -7.57 -24.40 -1.25
C ALA D 61 -8.61 -24.08 -2.31
N ARG D 62 -9.00 -22.82 -2.38
CA ARG D 62 -9.98 -22.37 -3.34
C ARG D 62 -9.42 -22.43 -4.76
N ILE D 63 -8.21 -21.90 -4.95
CA ILE D 63 -7.60 -21.92 -6.26
C ILE D 63 -7.54 -23.37 -6.78
N ASN D 64 -7.01 -24.27 -5.95
CA ASN D 64 -6.88 -25.68 -6.29
C ASN D 64 -8.19 -26.30 -6.81
N ALA D 65 -9.23 -26.31 -5.99
CA ALA D 65 -10.53 -26.88 -6.39
C ALA D 65 -11.01 -26.35 -7.73
N ALA D 66 -10.90 -25.04 -7.92
CA ALA D 66 -11.32 -24.42 -9.16
C ALA D 66 -10.55 -24.94 -10.40
N VAL D 67 -9.22 -24.87 -10.36
CA VAL D 67 -8.43 -25.29 -11.51
C VAL D 67 -8.47 -26.79 -11.85
N ARG D 68 -8.79 -27.61 -10.86
CA ARG D 68 -8.84 -29.05 -11.10
C ARG D 68 -10.05 -29.37 -11.97
N ALA D 69 -11.04 -28.50 -11.90
CA ALA D 69 -12.26 -28.64 -12.67
C ALA D 69 -12.04 -28.39 -14.15
N TYR D 70 -10.90 -27.78 -14.49
CA TYR D 70 -10.57 -27.49 -15.87
C TYR D 70 -9.50 -28.44 -16.37
N GLY D 71 -9.18 -29.45 -15.56
CA GLY D 71 -8.18 -30.44 -15.95
C GLY D 71 -6.72 -30.15 -15.62
N LEU D 72 -6.47 -29.23 -14.69
CA LEU D 72 -5.10 -28.86 -14.29
C LEU D 72 -4.89 -28.96 -12.78
N ASN D 73 -3.71 -29.43 -12.36
CA ASN D 73 -3.42 -29.52 -10.93
C ASN D 73 -2.73 -28.21 -10.47
N TYR D 74 -2.91 -27.87 -9.19
CA TYR D 74 -2.36 -26.64 -8.62
C TYR D 74 -0.93 -26.35 -9.05
N SER D 75 -0.04 -27.32 -8.88
CA SER D 75 1.36 -27.17 -9.23
C SER D 75 1.53 -26.61 -10.64
N THR D 76 1.00 -27.32 -11.64
CA THR D 76 1.11 -26.90 -13.03
C THR D 76 0.56 -25.48 -13.28
N PHE D 77 -0.68 -25.25 -12.87
CA PHE D 77 -1.32 -23.96 -13.04
C PHE D 77 -0.43 -22.81 -12.61
N ILE D 78 -0.01 -22.86 -11.35
CA ILE D 78 0.85 -21.84 -10.75
C ILE D 78 2.16 -21.69 -11.51
N ASN D 79 2.84 -22.80 -11.77
CA ASN D 79 4.09 -22.78 -12.51
C ASN D 79 3.91 -22.13 -13.89
N GLY D 80 2.79 -22.42 -14.56
CA GLY D 80 2.60 -21.83 -15.87
C GLY D 80 2.43 -20.34 -15.68
N LEU D 81 1.46 -20.00 -14.83
CA LEU D 81 1.17 -18.63 -14.55
C LEU D 81 2.45 -17.87 -14.26
N LYS D 82 3.39 -18.52 -13.58
CA LYS D 82 4.67 -17.90 -13.21
C LYS D 82 5.57 -17.42 -14.36
N LYS D 83 5.33 -17.89 -15.58
CA LYS D 83 6.16 -17.48 -16.70
C LYS D 83 6.21 -15.96 -16.90
N ALA D 84 5.26 -15.23 -16.32
CA ALA D 84 5.27 -13.79 -16.47
C ALA D 84 6.40 -13.15 -15.64
N GLY D 85 7.01 -13.93 -14.77
CA GLY D 85 8.10 -13.40 -13.96
C GLY D 85 7.77 -12.63 -12.68
N ILE D 86 6.53 -12.69 -12.20
CA ILE D 86 6.15 -12.00 -10.97
C ILE D 86 5.07 -12.73 -10.18
N GLU D 87 5.00 -12.44 -8.88
CA GLU D 87 4.04 -13.06 -7.99
C GLU D 87 2.72 -12.33 -7.93
N LEU D 88 1.68 -13.06 -8.24
CA LEU D 88 0.33 -12.55 -8.25
C LEU D 88 -0.33 -12.97 -6.93
N ASP D 89 -0.89 -12.02 -6.18
CA ASP D 89 -1.53 -12.33 -4.90
C ASP D 89 -2.52 -13.47 -4.98
N ARG D 90 -2.40 -14.44 -4.10
CA ARG D 90 -3.28 -15.60 -4.09
C ARG D 90 -4.71 -15.26 -3.75
N LYS D 91 -4.93 -14.16 -3.06
CA LYS D 91 -6.29 -13.81 -2.71
C LYS D 91 -7.03 -13.29 -3.95
N ILE D 92 -6.31 -12.65 -4.86
CA ILE D 92 -6.93 -12.14 -6.07
C ILE D 92 -7.57 -13.29 -6.83
N LEU D 93 -6.75 -14.30 -7.14
CA LEU D 93 -7.20 -15.47 -7.87
C LEU D 93 -8.34 -16.19 -7.17
N ALA D 94 -8.18 -16.45 -5.88
CA ALA D 94 -9.22 -17.16 -5.12
C ALA D 94 -10.53 -16.40 -5.12
N ASP D 95 -10.46 -15.08 -4.97
CA ASP D 95 -11.69 -14.27 -4.99
C ASP D 95 -12.32 -14.22 -6.38
N ALA D 97 -12.10 -16.56 -8.69
CA ALA D 97 -12.73 -17.86 -8.94
C ALA D 97 -14.11 -18.00 -8.30
N VAL D 98 -14.40 -17.19 -7.28
CA VAL D 98 -15.68 -17.28 -6.60
C VAL D 98 -16.73 -16.31 -7.12
N ARG D 99 -16.31 -15.07 -7.36
CA ARG D 99 -17.22 -14.01 -7.79
C ARG D 99 -17.39 -13.78 -9.30
N ASP D 100 -16.38 -14.11 -10.09
CA ASP D 100 -16.49 -13.93 -11.53
C ASP D 100 -15.89 -15.13 -12.25
N PRO D 101 -16.53 -16.29 -12.11
CA PRO D 101 -16.13 -17.57 -12.72
C PRO D 101 -15.89 -17.46 -14.22
N GLN D 102 -16.60 -16.51 -14.84
CA GLN D 102 -16.48 -16.28 -16.27
C GLN D 102 -15.06 -15.87 -16.62
N ALA D 103 -14.60 -14.77 -16.02
CA ALA D 103 -13.24 -14.29 -16.25
C ALA D 103 -12.19 -15.31 -15.82
N PHE D 104 -12.37 -15.88 -14.62
CA PHE D 104 -11.42 -16.85 -14.12
C PHE D 104 -11.07 -17.88 -15.23
N GLU D 105 -12.10 -18.33 -15.94
CA GLU D 105 -11.95 -19.31 -17.02
C GLU D 105 -10.99 -18.80 -18.12
N GLN D 106 -11.00 -17.49 -18.34
CA GLN D 106 -10.13 -16.88 -19.33
C GLN D 106 -8.69 -17.03 -18.88
N VAL D 107 -8.44 -16.77 -17.59
CA VAL D 107 -7.10 -16.91 -17.05
C VAL D 107 -6.67 -18.37 -17.20
N VAL D 108 -7.57 -19.29 -16.86
CA VAL D 108 -7.24 -20.70 -16.97
C VAL D 108 -6.88 -21.10 -18.41
N ASN D 109 -7.53 -20.48 -19.39
CA ASN D 109 -7.22 -20.83 -20.78
C ASN D 109 -5.95 -20.16 -21.28
N LYS D 110 -5.63 -19.00 -20.73
CA LYS D 110 -4.42 -18.29 -21.12
C LYS D 110 -3.24 -19.10 -20.57
N VAL D 111 -3.41 -19.68 -19.38
CA VAL D 111 -2.34 -20.47 -18.81
C VAL D 111 -2.19 -21.80 -19.59
N LYS D 112 -3.29 -22.38 -20.04
CA LYS D 112 -3.19 -23.62 -20.80
C LYS D 112 -2.38 -23.33 -22.05
N GLU D 113 -2.56 -22.14 -22.62
CA GLU D 113 -1.83 -21.76 -23.81
C GLU D 113 -0.34 -21.64 -23.51
N ALA D 114 0.00 -20.99 -22.40
CA ALA D 114 1.41 -20.81 -22.05
C ALA D 114 2.10 -22.15 -21.83
N LEU D 115 1.31 -23.19 -21.64
CA LEU D 115 1.86 -24.53 -21.42
C LEU D 115 1.75 -25.34 -22.71
N GLN D 116 1.05 -24.78 -23.69
CA GLN D 116 0.78 -25.41 -24.98
C GLN D 116 -0.62 -26.03 -24.92
N VAL D 117 -1.64 -25.18 -25.14
CA VAL D 117 -3.05 -25.57 -25.10
C VAL D 117 -3.32 -26.90 -24.45
N GLN D 118 -3.95 -26.87 -23.27
CA GLN D 118 -4.24 -28.09 -22.54
C GLN D 118 -2.93 -28.90 -22.52
#